data_3L0J
#
_entry.id   3L0J
#
_cell.length_a   58.502
_cell.length_b   58.502
_cell.length_c   159.032
_cell.angle_alpha   90.00
_cell.angle_beta   90.00
_cell.angle_gamma   90.00
#
_symmetry.space_group_name_H-M   'P 41 21 2'
#
loop_
_entity.id
_entity.type
_entity.pdbx_description
1 polymer 'Nuclear receptor ROR-gamma'
2 polymer 'Nuclear receptor coactivator 2'
3 non-polymer (3alpha,8alpha,22R)-cholest-5-ene-3,22-diol
4 water water
#
loop_
_entity_poly.entity_id
_entity_poly.type
_entity_poly.pdbx_seq_one_letter_code
_entity_poly.pdbx_strand_id
1 'polypeptide(L)'
;ASLTEIEHLVQSVCKSYRETCQLRLEDLLRQRSNIFSREEVTGYQRKSMWEMWERCAHHLTEAIQYVVEFAKRLSGFMEL
CQNDQIVLLKAGAMEVVLVRMCRAYNADNRTVFFEGKYGGMELFRALGCSELISSIFDFSHSLSALHFSEDEIALYTALV
LINAHRPGLQEKRKVEQLQYNLELAFHHHLCKTHRQSILAKLPPKGKLRSLCSQHVERLQIFQHLHPIVVQAAFPPLYKE
LFS
;
A
2 'polypeptide(L)' KILHRLLQDS C
#
# COMPACT_ATOMS: atom_id res chain seq x y z
N ALA A 1 5.53 6.14 27.23
CA ALA A 1 6.34 4.97 26.74
C ALA A 1 7.79 5.16 27.14
N SER A 2 8.37 4.13 27.75
CA SER A 2 9.78 4.10 28.06
C SER A 2 10.53 3.58 26.84
N LEU A 3 11.86 3.53 26.95
CA LEU A 3 12.74 3.02 25.90
C LEU A 3 12.57 1.51 25.67
N THR A 4 12.49 0.76 26.76
CA THR A 4 12.24 -0.68 26.70
C THR A 4 10.95 -0.99 25.90
N GLU A 5 9.88 -0.26 26.20
CA GLU A 5 8.66 -0.30 25.40
C GLU A 5 8.93 -0.05 23.89
N ILE A 6 9.68 1.00 23.51
CA ILE A 6 9.86 1.24 22.07
C ILE A 6 10.85 0.28 21.38
N GLU A 7 11.84 -0.21 22.13
CA GLU A 7 12.73 -1.25 21.64
C GLU A 7 11.96 -2.48 21.21
N HIS A 8 10.95 -2.85 22.01
CA HIS A 8 10.17 -4.07 21.79
C HIS A 8 8.94 -3.87 20.92
N LEU A 9 8.53 -2.62 20.75
CA LEU A 9 7.56 -2.26 19.74
C LEU A 9 8.16 -2.50 18.34
N VAL A 10 9.48 -2.23 18.19
CA VAL A 10 10.20 -2.51 16.93
C VAL A 10 10.01 -3.96 16.47
N GLN A 11 10.36 -4.95 17.32
CA GLN A 11 10.30 -6.36 16.90
C GLN A 11 8.87 -6.81 16.63
N SER A 12 7.96 -6.23 17.38
CA SER A 12 6.58 -6.52 17.33
C SER A 12 5.92 -6.02 16.04
N VAL A 13 6.24 -4.80 15.60
CA VAL A 13 5.80 -4.30 14.29
C VAL A 13 6.32 -5.14 13.11
N CYS A 14 7.57 -5.58 13.24
CA CYS A 14 8.25 -6.32 12.20
C CYS A 14 7.66 -7.70 12.10
N LYS A 15 7.27 -8.25 13.24
CA LYS A 15 6.60 -9.54 13.28
C LYS A 15 5.26 -9.45 12.56
N SER A 16 4.40 -8.50 12.99
CA SER A 16 3.11 -8.23 12.35
C SER A 16 3.21 -8.06 10.84
N TYR A 17 4.25 -7.38 10.38
CA TYR A 17 4.47 -7.21 8.95
C TYR A 17 4.87 -8.51 8.24
N ARG A 18 5.73 -9.28 8.88
CA ARG A 18 6.27 -10.50 8.31
C ARG A 18 5.13 -11.50 8.05
N GLU A 19 4.12 -11.48 8.91
CA GLU A 19 2.98 -12.38 8.90
C GLU A 19 1.90 -12.01 7.88
N THR A 20 1.95 -10.77 7.41
CA THR A 20 0.87 -10.22 6.58
C THR A 20 1.39 -9.59 5.29
N CYS A 21 2.66 -9.84 4.99
CA CYS A 21 3.35 -9.16 3.92
C CYS A 21 2.88 -9.61 2.53
N GLN A 22 2.16 -10.74 2.50
CA GLN A 22 1.45 -11.23 1.30
C GLN A 22 2.33 -12.00 0.31
N LEU A 23 3.34 -11.32 -0.21
CA LEU A 23 4.27 -11.85 -1.17
C LEU A 23 5.65 -11.89 -0.49
N ARG A 24 6.27 -13.07 -0.41
CA ARG A 24 7.65 -13.20 0.17
C ARG A 24 8.69 -12.54 -0.71
N LEU A 25 9.54 -11.72 -0.11
CA LEU A 25 10.69 -11.12 -0.81
C LEU A 25 11.47 -12.12 -1.67
N GLU A 26 11.82 -13.26 -1.08
CA GLU A 26 12.49 -14.39 -1.72
C GLU A 26 11.90 -14.82 -3.07
N ASP A 27 10.57 -15.00 -3.12
CA ASP A 27 9.86 -15.29 -4.36
C ASP A 27 9.97 -14.17 -5.39
N LEU A 28 9.68 -12.94 -4.99
CA LEU A 28 9.80 -11.75 -5.85
C LEU A 28 11.19 -11.54 -6.41
N LEU A 29 12.21 -11.83 -5.61
CA LEU A 29 13.59 -11.64 -6.06
C LEU A 29 13.95 -12.69 -7.09
N ARG A 30 13.54 -13.92 -6.80
CA ARG A 30 13.74 -15.05 -7.70
C ARG A 30 13.01 -14.88 -9.05
N GLN A 31 11.79 -14.32 -9.02
CA GLN A 31 10.95 -14.19 -10.21
C GLN A 31 11.24 -12.96 -11.06
N ARG A 32 12.25 -12.20 -10.67
CA ARG A 32 12.75 -11.04 -11.44
C ARG A 32 13.13 -11.35 -12.90
N SER A 33 13.71 -12.53 -13.13
CA SER A 33 14.09 -12.96 -14.50
C SER A 33 12.86 -13.34 -15.36
N ASN A 34 11.69 -13.44 -14.73
CA ASN A 34 10.47 -13.90 -15.37
C ASN A 34 9.63 -12.70 -15.80
N ILE A 35 9.78 -12.33 -17.06
CA ILE A 35 9.31 -11.04 -17.60
C ILE A 35 8.36 -11.35 -18.74
N PHE A 36 7.22 -10.68 -18.78
CA PHE A 36 6.27 -10.90 -19.87
C PHE A 36 6.93 -10.69 -21.26
N SER A 37 6.58 -11.54 -22.22
CA SER A 37 7.01 -11.33 -23.61
C SER A 37 6.28 -10.13 -24.23
N ARG A 38 6.86 -9.56 -25.28
CA ARG A 38 6.15 -8.62 -26.17
C ARG A 38 4.74 -9.10 -26.55
N GLU A 39 4.59 -10.37 -26.95
CA GLU A 39 3.27 -10.96 -27.18
C GLU A 39 2.30 -10.89 -25.98
N GLU A 40 2.80 -11.18 -24.78
CA GLU A 40 1.94 -11.10 -23.58
C GLU A 40 1.57 -9.65 -23.30
N VAL A 41 2.53 -8.75 -23.46
CA VAL A 41 2.30 -7.32 -23.27
C VAL A 41 1.22 -6.83 -24.25
N THR A 42 1.36 -7.23 -25.50
CA THR A 42 0.35 -6.95 -26.52
C THR A 42 -1.04 -7.49 -26.13
N GLY A 43 -1.09 -8.71 -25.59
CA GLY A 43 -2.33 -9.33 -25.14
C GLY A 43 -3.04 -8.54 -24.04
N TYR A 44 -2.26 -8.02 -23.10
CA TYR A 44 -2.74 -7.07 -22.10
C TYR A 44 -3.21 -5.74 -22.68
N GLN A 45 -2.57 -5.29 -23.76
CA GLN A 45 -2.87 -3.99 -24.37
C GLN A 45 -4.10 -4.08 -25.25
N ARG A 46 -4.53 -5.31 -25.51
CA ARG A 46 -5.69 -5.55 -26.34
C ARG A 46 -6.98 -5.73 -25.57
N LYS A 47 -6.85 -5.84 -24.24
CA LYS A 47 -8.00 -5.91 -23.33
C LYS A 47 -8.84 -4.63 -23.29
N SER A 48 -10.13 -4.78 -23.01
CA SER A 48 -10.97 -3.62 -22.90
C SER A 48 -10.53 -2.84 -21.67
N MET A 49 -10.77 -1.53 -21.69
CA MET A 49 -10.51 -0.70 -20.53
C MET A 49 -11.10 -1.35 -19.29
N TRP A 50 -12.37 -1.72 -19.40
CA TRP A 50 -13.13 -2.17 -18.25
C TRP A 50 -12.66 -3.52 -17.73
N GLU A 51 -12.22 -4.39 -18.63
CA GLU A 51 -11.68 -5.67 -18.16
C GLU A 51 -10.39 -5.40 -17.40
N MET A 52 -9.60 -4.47 -17.90
CA MET A 52 -8.35 -4.12 -17.25
C MET A 52 -8.56 -3.46 -15.87
N TRP A 53 -9.51 -2.52 -15.75
CA TRP A 53 -9.86 -1.90 -14.46
C TRP A 53 -10.34 -2.92 -13.42
N GLU A 54 -11.16 -3.85 -13.88
CA GLU A 54 -11.70 -4.89 -13.04
C GLU A 54 -10.61 -5.82 -12.50
N ARG A 55 -9.78 -6.31 -13.42
CA ARG A 55 -8.60 -7.06 -13.05
C ARG A 55 -7.77 -6.28 -12.04
N CYS A 56 -7.46 -5.03 -12.34
CA CYS A 56 -6.65 -4.27 -11.40
C CYS A 56 -7.30 -4.08 -10.02
N ALA A 57 -8.61 -3.76 -9.98
CA ALA A 57 -9.37 -3.54 -8.75
C ALA A 57 -9.38 -4.80 -7.86
N HIS A 58 -9.58 -5.95 -8.48
CA HIS A 58 -9.50 -7.24 -7.79
C HIS A 58 -8.12 -7.42 -7.15
N HIS A 59 -7.05 -7.19 -7.90
CA HIS A 59 -5.73 -7.40 -7.34
C HIS A 59 -5.37 -6.44 -6.20
N LEU A 60 -5.81 -5.20 -6.34
CA LEU A 60 -5.59 -4.20 -5.32
C LEU A 60 -6.36 -4.52 -4.06
N THR A 61 -7.62 -4.92 -4.22
CA THR A 61 -8.47 -5.35 -3.10
C THR A 61 -7.83 -6.46 -2.31
N GLU A 62 -7.30 -7.44 -3.03
CA GLU A 62 -6.62 -8.60 -2.46
C GLU A 62 -5.42 -8.11 -1.61
N ALA A 63 -4.71 -7.14 -2.11
CA ALA A 63 -3.57 -6.57 -1.42
C ALA A 63 -4.01 -5.83 -0.16
N ILE A 64 -5.06 -5.03 -0.30
CA ILE A 64 -5.65 -4.30 0.82
C ILE A 64 -6.11 -5.22 1.99
N GLN A 65 -6.57 -6.42 1.67
CA GLN A 65 -6.96 -7.39 2.69
C GLN A 65 -5.82 -7.81 3.62
N TYR A 66 -4.62 -7.96 3.06
CA TYR A 66 -3.43 -8.19 3.85
C TYR A 66 -3.11 -6.96 4.71
N VAL A 67 -3.29 -5.77 4.14
CA VAL A 67 -3.11 -4.52 4.86
C VAL A 67 -4.10 -4.42 6.05
N VAL A 68 -5.37 -4.81 5.85
CA VAL A 68 -6.31 -4.84 6.97
C VAL A 68 -5.87 -5.86 8.04
N GLU A 69 -5.28 -6.97 7.59
CA GLU A 69 -4.81 -7.98 8.51
C GLU A 69 -3.59 -7.46 9.27
N PHE A 70 -2.73 -6.73 8.57
CA PHE A 70 -1.57 -6.04 9.16
C PHE A 70 -1.99 -5.09 10.28
N ALA A 71 -2.97 -4.23 9.97
CA ALA A 71 -3.58 -3.25 10.89
C ALA A 71 -4.17 -3.93 12.12
N LYS A 72 -4.99 -4.95 11.92
CA LYS A 72 -5.55 -5.74 13.03
C LYS A 72 -4.46 -6.33 13.94
N ARG A 73 -3.26 -6.53 13.39
CA ARG A 73 -2.12 -7.09 14.15
C ARG A 73 -1.20 -6.07 14.77
N LEU A 74 -1.29 -4.83 14.30
CA LEU A 74 -0.46 -3.76 14.81
C LEU A 74 -0.74 -3.42 16.27
N SER A 75 0.33 -3.37 17.08
CA SER A 75 0.22 -3.04 18.49
C SER A 75 -0.38 -1.68 18.59
N GLY A 76 -1.53 -1.63 19.26
CA GLY A 76 -2.21 -0.40 19.51
C GLY A 76 -3.42 -0.26 18.63
N PHE A 77 -3.40 -0.85 17.44
CA PHE A 77 -4.45 -0.56 16.44
C PHE A 77 -5.84 -0.94 16.90
N MET A 78 -6.05 -2.20 17.24
CA MET A 78 -7.35 -2.66 17.72
C MET A 78 -7.84 -2.00 19.01
N GLU A 79 -6.98 -1.20 19.62
CA GLU A 79 -7.36 -0.41 20.80
C GLU A 79 -8.06 0.89 20.45
N LEU A 80 -7.86 1.38 19.22
CA LEU A 80 -8.61 2.52 18.74
C LEU A 80 -10.09 2.19 18.58
N CYS A 81 -10.95 3.20 18.67
CA CYS A 81 -12.36 2.96 18.48
C CYS A 81 -12.61 2.56 17.03
N GLN A 82 -13.67 1.79 16.81
CA GLN A 82 -14.03 1.34 15.49
C GLN A 82 -14.03 2.46 14.43
N ASN A 83 -14.64 3.60 14.74
CA ASN A 83 -14.69 4.72 13.79
C ASN A 83 -13.30 5.05 13.28
N ASP A 84 -12.35 5.18 14.18
CA ASP A 84 -10.99 5.60 13.82
C ASP A 84 -10.18 4.52 13.11
N GLN A 85 -10.42 3.26 13.45
CA GLN A 85 -9.91 2.13 12.71
C GLN A 85 -10.30 2.26 11.26
N ILE A 86 -11.59 2.51 11.00
CA ILE A 86 -12.15 2.63 9.63
C ILE A 86 -11.67 3.87 8.88
N VAL A 87 -11.59 5.01 9.58
CA VAL A 87 -11.00 6.22 9.02
C VAL A 87 -9.54 6.00 8.63
N LEU A 88 -8.75 5.36 9.51
CA LEU A 88 -7.34 5.11 9.24
C LEU A 88 -7.10 4.14 8.07
N LEU A 89 -7.90 3.08 8.00
CA LEU A 89 -7.84 2.15 6.87
C LEU A 89 -8.41 2.69 5.57
N LYS A 90 -9.51 3.45 5.62
CA LYS A 90 -10.06 4.04 4.39
C LYS A 90 -9.03 4.96 3.71
N ALA A 91 -8.29 5.73 4.53
CA ALA A 91 -7.31 6.68 4.02
C ALA A 91 -5.93 6.06 3.71
N GLY A 92 -5.48 5.09 4.51
CA GLY A 92 -4.10 4.63 4.45
C GLY A 92 -3.86 3.30 3.79
N ALA A 93 -4.92 2.52 3.55
CA ALA A 93 -4.70 1.22 2.92
C ALA A 93 -4.03 1.26 1.54
N MET A 94 -4.56 2.10 0.64
CA MET A 94 -3.94 2.29 -0.68
C MET A 94 -2.49 2.78 -0.57
N GLU A 95 -2.27 3.73 0.34
CA GLU A 95 -0.95 4.24 0.63
C GLU A 95 0.03 3.12 0.98
N VAL A 96 -0.36 2.26 1.94
CA VAL A 96 0.45 1.12 2.35
C VAL A 96 0.79 0.16 1.20
N VAL A 97 -0.19 -0.16 0.34
CA VAL A 97 0.03 -0.95 -0.87
C VAL A 97 1.05 -0.25 -1.75
N LEU A 98 0.94 1.07 -1.83
CA LEU A 98 1.82 1.85 -2.71
C LEU A 98 3.27 1.82 -2.24
N VAL A 99 3.43 1.75 -0.92
CA VAL A 99 4.76 1.52 -0.34
C VAL A 99 5.20 0.06 -0.49
N ARG A 100 4.29 -0.88 -0.29
CA ARG A 100 4.60 -2.30 -0.36
C ARG A 100 5.00 -2.69 -1.77
N MET A 101 4.52 -1.92 -2.75
CA MET A 101 4.88 -2.15 -4.16
C MET A 101 6.39 -2.12 -4.49
N CYS A 102 7.14 -1.30 -3.75
CA CYS A 102 8.57 -1.16 -4.00
C CYS A 102 9.33 -2.55 -3.92
N ARG A 103 8.84 -3.46 -3.07
CA ARG A 103 9.39 -4.82 -2.99
C ARG A 103 9.19 -5.60 -4.30
N ALA A 104 8.03 -5.37 -4.91
CA ALA A 104 7.54 -6.09 -6.09
C ALA A 104 7.94 -5.33 -7.37
N TYR A 105 8.80 -4.33 -7.19
CA TYR A 105 9.25 -3.47 -8.27
C TYR A 105 10.77 -3.63 -8.46
N ASN A 106 11.16 -3.81 -9.70
CA ASN A 106 12.54 -4.06 -10.07
C ASN A 106 13.00 -2.82 -10.78
N ALA A 107 13.83 -2.06 -10.06
CA ALA A 107 14.34 -0.80 -10.54
C ALA A 107 15.35 -0.94 -11.69
N ASP A 108 15.94 -2.14 -11.86
CA ASP A 108 16.91 -2.37 -12.95
C ASP A 108 16.30 -2.30 -14.33
N ASN A 109 15.04 -2.68 -14.46
CA ASN A 109 14.36 -2.63 -15.76
C ASN A 109 12.96 -2.03 -15.68
N ARG A 110 12.68 -1.33 -14.57
CA ARG A 110 11.40 -0.66 -14.31
C ARG A 110 10.19 -1.57 -14.51
N THR A 111 10.20 -2.73 -13.87
CA THR A 111 9.08 -3.67 -14.01
C THR A 111 8.43 -3.91 -12.68
N VAL A 112 7.12 -4.17 -12.69
CA VAL A 112 6.37 -4.55 -11.50
C VAL A 112 5.87 -5.99 -11.68
N PHE A 113 5.82 -6.74 -10.58
CA PHE A 113 5.28 -8.08 -10.58
C PHE A 113 3.74 -8.03 -10.65
N PHE A 114 3.21 -8.57 -11.74
CA PHE A 114 1.78 -8.51 -12.00
C PHE A 114 1.28 -9.79 -12.61
N GLU A 115 0.34 -10.47 -11.94
CA GLU A 115 -0.22 -11.74 -12.42
C GLU A 115 0.87 -12.72 -12.88
N GLY A 116 1.83 -12.97 -11.98
CA GLY A 116 2.81 -14.05 -12.14
C GLY A 116 4.08 -13.75 -12.92
N LYS A 117 4.25 -12.52 -13.39
CA LYS A 117 5.46 -12.14 -14.15
C LYS A 117 5.73 -10.67 -13.90
N TYR A 118 6.92 -10.21 -14.27
CA TYR A 118 7.25 -8.80 -14.22
C TYR A 118 6.89 -8.08 -15.53
N GLY A 119 6.33 -6.87 -15.43
CA GLY A 119 6.04 -6.05 -16.60
C GLY A 119 6.19 -4.55 -16.37
N GLY A 120 6.43 -3.81 -17.46
CA GLY A 120 6.52 -2.35 -17.41
C GLY A 120 5.16 -1.66 -17.43
N MET A 121 5.19 -0.33 -17.31
CA MET A 121 4.01 0.53 -17.33
C MET A 121 3.04 0.16 -18.41
N GLU A 122 3.56 0.06 -19.63
CA GLU A 122 2.86 -0.23 -20.88
C GLU A 122 1.89 -1.38 -20.79
N LEU A 123 2.15 -2.26 -19.82
CA LEU A 123 1.29 -3.39 -19.46
C LEU A 123 -0.14 -2.92 -19.15
N PHE A 124 -0.25 -1.70 -18.61
CA PHE A 124 -1.51 -1.13 -18.07
C PHE A 124 -2.15 -0.02 -18.92
N ARG A 125 -1.69 0.06 -20.16
CA ARG A 125 -2.07 1.11 -21.09
C ARG A 125 -3.60 1.19 -21.34
N ALA A 126 -4.29 0.05 -21.33
CA ALA A 126 -5.75 -0.03 -21.48
C ALA A 126 -6.55 0.75 -20.45
N LEU A 127 -5.91 1.04 -19.30
CA LEU A 127 -6.59 1.67 -18.19
C LEU A 127 -7.08 3.09 -18.50
N GLY A 128 -6.41 3.78 -19.42
CA GLY A 128 -6.71 5.18 -19.72
C GLY A 128 -6.23 6.17 -18.66
N CYS A 129 -5.14 5.83 -17.96
CA CYS A 129 -4.56 6.74 -16.97
C CYS A 129 -3.06 6.63 -16.82
N SER A 130 -2.34 6.90 -17.91
CA SER A 130 -0.89 6.75 -17.96
C SER A 130 -0.06 7.73 -17.06
N GLU A 131 -0.62 8.92 -16.80
CA GLU A 131 -0.01 9.91 -15.94
C GLU A 131 0.10 9.31 -14.54
N LEU A 132 -1.01 8.79 -14.01
CA LEU A 132 -1.04 8.09 -12.72
C LEU A 132 -0.13 6.84 -12.65
N ILE A 133 -0.22 5.95 -13.63
CA ILE A 133 0.67 4.79 -13.67
C ILE A 133 2.14 5.20 -13.65
N SER A 134 2.50 6.12 -14.53
CA SER A 134 3.81 6.72 -14.62
C SER A 134 4.28 7.20 -13.24
N SER A 135 3.46 8.04 -12.59
CA SER A 135 3.77 8.51 -11.23
C SER A 135 3.88 7.42 -10.14
N ILE A 136 3.10 6.34 -10.28
CA ILE A 136 3.20 5.18 -9.37
C ILE A 136 4.53 4.40 -9.56
N PHE A 137 4.97 4.27 -10.81
CA PHE A 137 6.27 3.67 -11.10
C PHE A 137 7.46 4.51 -10.58
N ASP A 138 7.37 5.81 -10.79
CA ASP A 138 8.33 6.76 -10.28
C ASP A 138 8.48 6.68 -8.78
N PHE A 139 7.34 6.68 -8.11
CA PHE A 139 7.34 6.57 -6.67
C PHE A 139 8.08 5.32 -6.17
N SER A 140 7.82 4.20 -6.82
CA SER A 140 8.49 2.94 -6.50
C SER A 140 9.97 2.98 -6.87
N HIS A 141 10.26 3.67 -7.98
CA HIS A 141 11.66 3.83 -8.38
C HIS A 141 12.45 4.60 -7.28
N SER A 142 11.85 5.66 -6.72
CA SER A 142 12.47 6.46 -5.65
C SER A 142 12.66 5.69 -4.36
N LEU A 143 11.60 5.03 -3.90
CA LEU A 143 11.69 4.13 -2.77
C LEU A 143 12.71 3.00 -2.95
N SER A 144 12.71 2.38 -4.13
CA SER A 144 13.71 1.35 -4.46
C SER A 144 15.17 1.83 -4.33
N ALA A 145 15.45 3.04 -4.81
CA ALA A 145 16.73 3.73 -4.63
C ALA A 145 17.26 3.76 -3.18
N LEU A 146 16.37 3.74 -2.20
CA LEU A 146 16.72 3.77 -0.78
C LEU A 146 17.15 2.42 -0.18
N HIS A 147 16.97 1.35 -0.96
CA HIS A 147 17.32 -0.02 -0.54
C HIS A 147 16.68 -0.41 0.81
N PHE A 148 15.43 0.01 0.98
CA PHE A 148 14.54 -0.37 2.07
C PHE A 148 14.60 -1.82 2.48
N SER A 149 14.95 -2.08 3.74
CA SER A 149 14.90 -3.46 4.25
C SER A 149 13.46 -3.85 4.53
N GLU A 150 13.23 -5.14 4.82
CA GLU A 150 11.91 -5.60 5.26
C GLU A 150 11.51 -4.94 6.57
N ASP A 151 12.46 -4.78 7.47
CA ASP A 151 12.15 -4.15 8.76
C ASP A 151 11.77 -2.67 8.56
N GLU A 152 12.47 -2.00 7.67
CA GLU A 152 12.15 -0.61 7.36
C GLU A 152 10.75 -0.45 6.78
N ILE A 153 10.40 -1.33 5.85
CA ILE A 153 9.06 -1.33 5.28
C ILE A 153 7.98 -1.52 6.32
N ALA A 154 8.16 -2.50 7.20
CA ALA A 154 7.23 -2.77 8.30
C ALA A 154 6.95 -1.54 9.14
N LEU A 155 8.03 -0.87 9.50
CA LEU A 155 8.04 0.26 10.42
C LEU A 155 7.47 1.48 9.71
N TYR A 156 7.90 1.66 8.47
CA TYR A 156 7.46 2.76 7.67
C TYR A 156 5.96 2.72 7.36
N THR A 157 5.47 1.55 6.91
CA THR A 157 4.08 1.37 6.58
C THR A 157 3.20 1.44 7.83
N ALA A 158 3.70 1.05 8.99
CA ALA A 158 2.92 1.20 10.21
C ALA A 158 2.63 2.66 10.51
N LEU A 159 3.60 3.53 10.21
CA LEU A 159 3.45 4.99 10.25
C LEU A 159 2.55 5.61 9.15
N VAL A 160 2.58 5.00 7.97
CA VAL A 160 1.76 5.48 6.89
C VAL A 160 0.30 5.30 7.35
N LEU A 161 -0.01 4.12 7.88
CA LEU A 161 -1.31 3.81 8.45
C LEU A 161 -1.72 4.64 9.68
N ILE A 162 -0.86 4.69 10.70
CA ILE A 162 -1.20 5.43 11.91
C ILE A 162 -0.83 6.91 11.75
N ASN A 163 -1.81 7.69 11.32
CA ASN A 163 -1.62 9.09 10.94
C ASN A 163 -2.71 9.91 11.65
N ALA A 164 -2.30 10.65 12.67
CA ALA A 164 -3.23 11.39 13.53
C ALA A 164 -3.79 12.61 12.84
N HIS A 165 -3.26 12.92 11.66
CA HIS A 165 -3.75 14.05 10.86
C HIS A 165 -4.97 13.76 9.98
N ARG A 166 -5.33 12.48 9.79
CA ARG A 166 -6.43 12.09 8.88
C ARG A 166 -7.76 12.74 9.28
N PRO A 167 -8.47 13.34 8.31
CA PRO A 167 -9.73 13.96 8.73
C PRO A 167 -10.81 12.94 9.11
N GLY A 168 -11.55 13.24 10.16
CA GLY A 168 -12.69 12.41 10.52
C GLY A 168 -12.45 11.60 11.77
N LEU A 169 -11.24 11.70 12.33
CA LEU A 169 -10.90 10.94 13.56
C LEU A 169 -11.60 11.50 14.80
N GLN A 170 -12.33 10.64 15.52
CA GLN A 170 -12.94 11.04 16.80
C GLN A 170 -11.96 11.16 17.98
N GLU A 171 -10.94 10.29 18.00
CA GLU A 171 -9.98 10.19 19.10
C GLU A 171 -8.58 10.58 18.65
N LYS A 172 -8.42 11.84 18.27
CA LYS A 172 -7.20 12.31 17.63
C LYS A 172 -5.98 12.21 18.56
N ARG A 173 -6.20 12.44 19.84
CA ARG A 173 -5.16 12.25 20.84
C ARG A 173 -4.65 10.80 21.04
N LYS A 174 -5.53 9.80 21.03
CA LYS A 174 -5.07 8.40 21.11
C LYS A 174 -4.22 7.97 19.91
N VAL A 175 -4.63 8.35 18.70
CA VAL A 175 -3.82 8.06 17.53
C VAL A 175 -2.53 8.91 17.43
N GLU A 176 -2.56 10.13 17.96
CA GLU A 176 -1.35 10.93 18.18
C GLU A 176 -0.30 10.21 19.06
N GLN A 177 -0.77 9.58 20.14
CA GLN A 177 0.13 8.86 21.03
C GLN A 177 0.72 7.60 20.38
N LEU A 178 -0.14 6.87 19.68
CA LEU A 178 0.26 5.73 18.93
C LEU A 178 1.25 6.08 17.80
N GLN A 179 0.94 7.11 17.04
CA GLN A 179 1.80 7.62 15.98
C GLN A 179 3.20 7.98 16.51
N TYR A 180 3.23 8.67 17.63
CA TYR A 180 4.48 9.01 18.30
C TYR A 180 5.35 7.79 18.63
N ASN A 181 4.73 6.74 19.18
CA ASN A 181 5.46 5.53 19.57
C ASN A 181 6.00 4.74 18.39
N LEU A 182 5.21 4.72 17.31
CA LEU A 182 5.65 4.13 16.06
C LEU A 182 6.75 4.95 15.39
N GLU A 183 6.67 6.29 15.48
CA GLU A 183 7.72 7.16 14.94
C GLU A 183 9.04 6.91 15.66
N LEU A 184 9.00 6.97 16.99
CA LEU A 184 10.13 6.56 17.84
C LEU A 184 10.67 5.17 17.51
N ALA A 185 9.77 4.19 17.42
CA ALA A 185 10.12 2.86 16.97
C ALA A 185 10.90 2.91 15.63
N PHE A 186 10.35 3.59 14.63
CA PHE A 186 10.97 3.72 13.31
C PHE A 186 12.34 4.38 13.40
N HIS A 187 12.43 5.51 14.08
CA HIS A 187 13.69 6.23 14.12
C HIS A 187 14.75 5.53 14.98
N HIS A 188 14.31 4.77 15.98
CA HIS A 188 15.23 4.05 16.88
C HIS A 188 15.92 2.96 16.09
N HIS A 189 15.14 2.32 15.23
CA HIS A 189 15.66 1.24 14.45
C HIS A 189 16.66 1.76 13.42
N LEU A 190 16.32 2.85 12.73
CA LEU A 190 17.21 3.52 11.80
C LEU A 190 18.53 3.95 12.48
N CYS A 191 18.40 4.44 13.70
CA CYS A 191 19.55 4.86 14.46
C CYS A 191 20.41 3.63 14.75
N LYS A 192 19.81 2.58 15.30
CA LYS A 192 20.53 1.36 15.67
C LYS A 192 21.26 0.70 14.51
N THR A 193 20.74 0.90 13.29
CA THR A 193 21.24 0.30 12.06
C THR A 193 22.03 1.27 11.22
N HIS A 194 22.22 2.49 11.70
CA HIS A 194 23.05 3.48 11.00
C HIS A 194 22.41 3.93 9.69
N ARG A 195 21.12 4.23 9.75
CA ARG A 195 20.33 4.45 8.54
C ARG A 195 19.47 5.66 8.63
N GLN A 196 19.85 6.60 9.50
CA GLN A 196 19.11 7.84 9.62
C GLN A 196 19.31 8.72 8.40
N SER A 197 20.35 8.41 7.62
CA SER A 197 20.65 9.16 6.38
C SER A 197 19.46 9.19 5.41
N ILE A 198 18.54 8.23 5.53
CA ILE A 198 17.38 8.13 4.65
C ILE A 198 16.16 9.03 4.98
N LEU A 199 16.02 9.43 6.25
CA LEU A 199 14.91 10.30 6.69
C LEU A 199 14.69 11.53 5.82
N ALA A 200 15.80 12.09 5.36
CA ALA A 200 15.80 13.25 4.48
C ALA A 200 15.51 12.82 3.04
N LYS A 201 15.75 11.54 2.73
CA LYS A 201 15.45 11.00 1.39
C LYS A 201 14.01 10.46 1.24
N LEU A 202 13.32 10.20 2.36
CA LEU A 202 11.96 9.69 2.28
C LEU A 202 11.07 10.57 1.40
N PRO A 203 10.04 9.99 0.74
CA PRO A 203 9.14 10.79 -0.08
C PRO A 203 8.40 11.83 0.79
N PRO A 204 8.26 13.06 0.25
CA PRO A 204 7.69 14.24 0.91
C PRO A 204 6.38 14.06 1.72
N LYS A 205 5.31 13.57 1.09
CA LYS A 205 3.98 13.78 1.67
C LYS A 205 3.58 15.28 1.42
N GLY A 206 2.39 15.59 0.91
CA GLY A 206 1.35 14.66 0.54
C GLY A 206 1.89 13.52 -0.24
N LYS A 207 2.10 13.73 -1.55
CA LYS A 207 2.82 12.75 -2.42
C LYS A 207 2.15 11.36 -2.53
N LEU A 208 2.10 10.62 -1.44
CA LEU A 208 1.19 9.46 -1.32
C LEU A 208 -0.30 9.87 -1.43
N ARG A 209 -0.65 10.99 -0.81
CA ARG A 209 -1.98 11.58 -0.89
C ARG A 209 -2.33 11.94 -2.34
N SER A 210 -1.37 12.51 -3.07
CA SER A 210 -1.57 12.88 -4.47
C SER A 210 -1.92 11.69 -5.36
N LEU A 211 -1.07 10.66 -5.29
CA LEU A 211 -1.29 9.37 -5.91
C LEU A 211 -2.68 8.81 -5.63
N CYS A 212 -3.04 8.76 -4.34
CA CYS A 212 -4.34 8.24 -3.93
C CYS A 212 -5.55 9.06 -4.39
N SER A 213 -5.38 10.38 -4.50
CA SER A 213 -6.44 11.23 -5.04
C SER A 213 -6.56 11.03 -6.54
N GLN A 214 -5.41 10.91 -7.20
CA GLN A 214 -5.41 10.61 -8.64
C GLN A 214 -6.14 9.31 -8.93
N HIS A 215 -5.87 8.29 -8.10
CA HIS A 215 -6.51 6.99 -8.24
C HIS A 215 -8.03 7.18 -8.22
N VAL A 216 -8.53 7.83 -7.16
CA VAL A 216 -9.98 8.08 -6.98
C VAL A 216 -10.57 8.95 -8.12
N GLU A 217 -9.85 10.02 -8.49
CA GLU A 217 -10.22 10.87 -9.62
C GLU A 217 -10.38 10.04 -10.91
N ARG A 218 -9.49 9.08 -11.10
CA ARG A 218 -9.47 8.24 -12.31
C ARG A 218 -10.57 7.19 -12.32
N LEU A 219 -10.76 6.55 -11.17
CA LEU A 219 -11.90 5.72 -10.91
C LEU A 219 -13.18 6.47 -11.27
N GLN A 220 -13.29 7.71 -10.80
CA GLN A 220 -14.51 8.49 -10.91
C GLN A 220 -14.81 8.71 -12.40
N ILE A 221 -13.79 9.09 -13.18
CA ILE A 221 -13.96 9.14 -14.65
C ILE A 221 -14.42 7.80 -15.25
N PHE A 222 -13.79 6.70 -14.88
CA PHE A 222 -14.12 5.35 -15.38
C PHE A 222 -15.56 4.95 -15.02
N GLN A 223 -15.97 5.29 -13.82
CA GLN A 223 -17.32 4.99 -13.37
C GLN A 223 -18.37 5.77 -14.18
N HIS A 224 -18.02 6.97 -14.60
CA HIS A 224 -18.93 7.78 -15.38
C HIS A 224 -19.12 7.09 -16.73
N LEU A 225 -18.04 6.49 -17.26
CA LEU A 225 -18.06 5.77 -18.55
C LEU A 225 -18.68 4.36 -18.47
N HIS A 226 -18.29 3.60 -17.45
CA HIS A 226 -18.74 2.22 -17.29
C HIS A 226 -19.41 2.00 -15.92
N PRO A 227 -20.54 2.71 -15.64
CA PRO A 227 -21.12 2.65 -14.30
C PRO A 227 -21.57 1.23 -13.87
N ILE A 228 -21.96 0.40 -14.82
CA ILE A 228 -22.49 -0.92 -14.49
C ILE A 228 -21.36 -1.96 -14.25
N VAL A 229 -20.19 -1.76 -14.88
CA VAL A 229 -19.01 -2.58 -14.57
C VAL A 229 -18.69 -2.49 -13.09
N VAL A 230 -18.63 -1.25 -12.60
CA VAL A 230 -18.37 -0.93 -11.20
C VAL A 230 -19.40 -1.56 -10.25
N GLN A 231 -20.68 -1.27 -10.49
CA GLN A 231 -21.75 -1.83 -9.65
C GLN A 231 -21.72 -3.35 -9.66
N ALA A 232 -21.61 -3.93 -10.85
CA ALA A 232 -21.74 -5.39 -11.03
C ALA A 232 -20.48 -6.21 -10.80
N ALA A 233 -19.30 -5.68 -11.15
CA ALA A 233 -18.06 -6.48 -11.16
C ALA A 233 -16.82 -5.91 -10.40
N PHE A 234 -16.97 -4.82 -9.63
CA PHE A 234 -15.86 -4.36 -8.76
C PHE A 234 -16.08 -4.91 -7.38
N PRO A 235 -15.00 -5.34 -6.69
CA PRO A 235 -15.22 -5.93 -5.36
C PRO A 235 -15.87 -4.90 -4.40
N PRO A 236 -16.84 -5.34 -3.56
CA PRO A 236 -17.43 -4.49 -2.49
C PRO A 236 -16.45 -3.67 -1.63
N LEU A 237 -15.37 -4.30 -1.16
CA LEU A 237 -14.40 -3.63 -0.30
C LEU A 237 -13.80 -2.44 -1.02
N TYR A 238 -13.55 -2.62 -2.31
CA TYR A 238 -12.95 -1.60 -3.16
C TYR A 238 -13.89 -0.41 -3.37
N LYS A 239 -15.16 -0.68 -3.66
CA LYS A 239 -16.16 0.37 -3.80
C LYS A 239 -16.39 1.14 -2.50
N GLU A 240 -16.25 0.44 -1.38
CA GLU A 240 -16.39 1.08 -0.10
C GLU A 240 -15.28 2.12 0.11
N LEU A 241 -14.04 1.72 -0.21
CA LEU A 241 -12.88 2.58 0.01
C LEU A 241 -12.80 3.75 -0.95
N PHE A 242 -13.08 3.48 -2.22
CA PHE A 242 -12.72 4.46 -3.27
C PHE A 242 -13.89 5.06 -4.08
N SER A 243 -15.12 4.63 -3.82
CA SER A 243 -16.26 5.07 -4.64
C SER A 243 -17.09 6.18 -3.96
N LYS B 1 -19.68 -0.81 5.27
CA LYS B 1 -20.23 -2.17 5.50
C LYS B 1 -19.16 -3.29 5.62
N ILE B 2 -18.45 -3.58 4.52
CA ILE B 2 -17.49 -4.71 4.40
C ILE B 2 -16.26 -4.66 5.35
N LEU B 3 -15.66 -3.48 5.49
CA LEU B 3 -14.55 -3.27 6.45
C LEU B 3 -14.92 -3.53 7.90
N HIS B 4 -16.09 -3.00 8.30
CA HIS B 4 -16.63 -3.24 9.64
C HIS B 4 -16.63 -4.76 9.90
N ARG B 5 -17.18 -5.54 8.98
CA ARG B 5 -17.20 -7.01 9.06
C ARG B 5 -15.81 -7.67 9.10
N LEU B 6 -14.83 -7.10 8.41
CA LEU B 6 -13.44 -7.60 8.45
C LEU B 6 -12.78 -7.38 9.81
N LEU B 7 -13.08 -6.26 10.43
CA LEU B 7 -12.52 -5.91 11.72
C LEU B 7 -13.08 -6.71 12.89
N GLN B 8 -14.31 -7.20 12.73
CA GLN B 8 -15.03 -7.92 13.78
C GLN B 8 -14.75 -9.41 13.72
N ASP B 9 -14.04 -9.87 12.70
CA ASP B 9 -13.89 -11.31 12.43
C ASP B 9 -12.78 -12.04 13.22
N SER B 10 -13.22 -12.97 14.09
CA SER B 10 -12.42 -13.86 15.00
C SER B 10 -10.90 -13.67 15.12
#